data_5Z4G
#
_entry.id   5Z4G
#
_cell.length_a   32.802
_cell.length_b   41.926
_cell.length_c   53.483
_cell.angle_alpha   89.97
_cell.angle_beta   80.75
_cell.angle_gamma   78.76
#
_symmetry.space_group_name_H-M   'P 1'
#
loop_
_entity.id
_entity.type
_entity.pdbx_description
1 polymer SAHS4
2 non-polymer 'ZINC ION'
3 non-polymer 'TETRAETHYLENE GLYCOL'
4 non-polymer 'TRIETHYLENE GLYCOL'
5 water water
#
_entity_poly.entity_id   1
_entity_poly.type   'polypeptide(L)'
_entity_poly.pdbx_seq_one_letter_code
;MGSSHHHHHHENLYFQSQWTGKPWLGKWESIDGTPENWEAFVKAANIPPKDQALYNGKQKTLLKYWKEAGEDHYHVQTSF
PGTEHKMETSFKMGQEGTLSHDGVDLKYVCTEDGEQLITKINIPSKNQETIVTYTATGDDLEQTFTSNGVTGKRWYKKIH
A
;
_entity_poly.pdbx_strand_id   A,B
#
# COMPACT_ATOMS: atom_id res chain seq x y z
N SER A 17 -11.99 -13.42 2.73
CA SER A 17 -10.97 -13.30 1.65
C SER A 17 -9.89 -12.33 2.09
N GLN A 18 -8.85 -12.23 1.28
CA GLN A 18 -7.68 -11.42 1.56
C GLN A 18 -8.04 -9.93 1.54
N TRP A 19 -7.51 -9.19 2.51
CA TRP A 19 -7.43 -7.74 2.40
C TRP A 19 -6.37 -7.43 1.34
N THR A 20 -6.61 -6.38 0.56
CA THR A 20 -5.65 -6.00 -0.49
C THR A 20 -5.36 -4.51 -0.45
N GLY A 21 -4.09 -4.15 -0.66
CA GLY A 21 -3.69 -2.76 -0.80
C GLY A 21 -3.11 -2.53 -2.17
N LYS A 22 -3.42 -1.38 -2.76
CA LYS A 22 -2.83 -0.95 -4.03
C LYS A 22 -2.29 0.47 -3.82
N PRO A 23 -1.15 0.57 -3.10
CA PRO A 23 -0.69 1.89 -2.63
C PRO A 23 -0.16 2.80 -3.73
N TRP A 24 0.01 2.25 -4.94
CA TRP A 24 0.40 3.03 -6.12
C TRP A 24 -0.76 3.85 -6.69
N LEU A 25 -2.00 3.53 -6.28
CA LEU A 25 -3.14 4.38 -6.64
C LEU A 25 -3.03 5.75 -6.00
N GLY A 26 -3.25 6.78 -6.80
CA GLY A 26 -3.06 8.16 -6.35
C GLY A 26 -2.34 9.00 -7.38
N LYS A 27 -2.02 10.23 -7.00
CA LYS A 27 -1.28 11.14 -7.87
C LYS A 27 0.09 11.41 -7.26
N TRP A 28 1.11 11.50 -8.12
CA TRP A 28 2.50 11.46 -7.72
C TRP A 28 3.30 12.52 -8.47
N GLU A 29 4.20 13.19 -7.77
N GLU A 29 4.21 13.19 -7.76
CA GLU A 29 5.10 14.18 -8.37
CA GLU A 29 5.09 14.19 -8.36
C GLU A 29 6.54 13.72 -8.23
C GLU A 29 6.54 13.74 -8.22
N SER A 30 7.28 13.72 -9.32
CA SER A 30 8.69 13.32 -9.29
C SER A 30 9.47 14.26 -8.36
N ILE A 31 10.35 13.67 -7.55
CA ILE A 31 11.20 14.48 -6.68
C ILE A 31 12.24 15.23 -7.50
N ASP A 32 12.81 16.28 -6.94
CA ASP A 32 13.86 17.06 -7.62
C ASP A 32 15.04 16.17 -8.01
N GLY A 33 15.57 16.39 -9.20
CA GLY A 33 16.76 15.68 -9.67
C GLY A 33 16.46 14.56 -10.64
N THR A 34 17.50 13.85 -11.01
CA THR A 34 17.45 12.76 -11.98
C THR A 34 17.36 11.42 -11.28
N PRO A 35 16.82 10.39 -11.96
CA PRO A 35 16.75 9.05 -11.36
C PRO A 35 18.11 8.53 -10.92
N GLU A 36 18.13 7.73 -9.86
CA GLU A 36 19.33 6.98 -9.47
C GLU A 36 19.82 6.15 -10.66
N ASN A 37 21.12 6.22 -10.91
CA ASN A 37 21.77 5.51 -12.02
C ASN A 37 21.33 5.97 -13.42
N TRP A 38 20.80 7.19 -13.52
CA TRP A 38 20.30 7.75 -14.78
C TRP A 38 21.32 7.77 -15.91
N GLU A 39 22.55 8.19 -15.61
CA GLU A 39 23.60 8.27 -16.64
C GLU A 39 23.84 6.92 -17.29
N ALA A 40 24.00 5.88 -16.47
CA ALA A 40 24.20 4.51 -16.96
C ALA A 40 23.00 3.97 -17.74
N PHE A 41 21.78 4.29 -17.27
CA PHE A 41 20.54 3.87 -17.94
C PHE A 41 20.37 4.52 -19.31
N VAL A 42 20.60 5.83 -19.38
CA VAL A 42 20.56 6.57 -20.64
C VAL A 42 21.45 5.91 -21.70
N LYS A 43 22.67 5.55 -21.30
CA LYS A 43 23.67 4.96 -22.21
C LYS A 43 23.25 3.55 -22.65
N ALA A 44 22.95 2.68 -21.68
CA ALA A 44 22.60 1.29 -21.96
C ALA A 44 21.26 1.09 -22.67
N ALA A 45 20.26 1.88 -22.27
CA ALA A 45 18.91 1.78 -22.84
C ALA A 45 18.73 2.64 -24.08
N ASN A 46 19.82 3.33 -24.46
CA ASN A 46 19.87 4.18 -25.66
C ASN A 46 18.74 5.19 -25.67
N ILE A 47 18.62 5.94 -24.57
CA ILE A 47 17.61 6.98 -24.44
C ILE A 47 18.06 8.19 -25.27
N PRO A 48 17.26 8.54 -26.31
CA PRO A 48 17.63 9.65 -27.20
C PRO A 48 17.58 11.00 -26.47
N PRO A 49 18.38 12.00 -26.91
CA PRO A 49 18.36 13.34 -26.29
C PRO A 49 16.97 13.95 -26.14
N LYS A 50 16.06 13.73 -27.10
CA LYS A 50 14.69 14.26 -27.03
C LYS A 50 13.90 13.72 -25.83
N ASP A 51 14.16 12.48 -25.45
CA ASP A 51 13.53 11.86 -24.28
C ASP A 51 14.25 12.20 -22.98
N GLN A 52 15.59 12.27 -23.05
CA GLN A 52 16.45 12.70 -21.93
C GLN A 52 16.01 14.04 -21.34
N ALA A 53 15.67 14.98 -22.23
CA ALA A 53 15.26 16.34 -21.87
C ALA A 53 14.07 16.40 -20.90
N LEU A 54 13.18 15.41 -20.97
CA LEU A 54 11.98 15.38 -20.14
C LEU A 54 12.25 14.99 -18.68
N TYR A 55 13.45 14.47 -18.42
CA TYR A 55 13.85 14.02 -17.09
C TYR A 55 15.06 14.78 -16.55
N ASN A 56 15.65 15.62 -17.40
CA ASN A 56 16.75 16.51 -17.00
C ASN A 56 16.23 17.92 -16.71
N GLY A 57 16.83 18.57 -15.71
CA GLY A 57 16.49 19.94 -15.35
C GLY A 57 15.37 20.07 -14.34
N LYS A 58 14.67 21.19 -14.37
CA LYS A 58 13.57 21.48 -13.45
C LYS A 58 12.25 20.79 -13.80
N GLN A 59 12.22 20.10 -14.95
CA GLN A 59 10.99 19.49 -15.46
C GLN A 59 10.42 18.39 -14.54
N LYS A 60 9.20 18.62 -14.06
CA LYS A 60 8.49 17.63 -13.24
C LYS A 60 7.69 16.64 -14.08
N THR A 61 7.55 15.43 -13.55
CA THR A 61 6.61 14.45 -14.05
C THR A 61 5.51 14.29 -13.01
N LEU A 62 4.28 14.35 -13.48
CA LEU A 62 3.12 13.99 -12.67
C LEU A 62 2.56 12.66 -13.16
N LEU A 63 2.31 11.76 -12.23
CA LEU A 63 1.80 10.46 -12.56
C LEU A 63 0.52 10.22 -11.75
N LYS A 64 -0.54 9.77 -12.41
CA LYS A 64 -1.79 9.49 -11.68
C LYS A 64 -2.33 8.12 -12.09
N TYR A 65 -2.63 7.29 -11.09
CA TYR A 65 -3.30 6.00 -11.29
C TYR A 65 -4.59 6.02 -10.51
N TRP A 66 -5.69 5.58 -11.13
CA TRP A 66 -6.98 5.52 -10.43
C TRP A 66 -7.86 4.41 -10.96
N LYS A 67 -8.83 4.02 -10.14
CA LYS A 67 -9.81 3.01 -10.48
C LYS A 67 -11.16 3.52 -10.02
N GLU A 68 -12.12 3.59 -10.94
CA GLU A 68 -13.50 3.86 -10.52
C GLU A 68 -14.24 2.58 -10.17
N ALA A 69 -15.05 2.67 -9.12
CA ALA A 69 -15.70 1.51 -8.46
C ALA A 69 -16.41 0.52 -9.39
N GLY A 70 -17.15 1.05 -10.36
CA GLY A 70 -17.96 0.22 -11.26
C GLY A 70 -17.35 -0.16 -12.59
N GLU A 71 -16.03 0.00 -12.74
CA GLU A 71 -15.32 -0.40 -13.96
C GLU A 71 -14.31 -1.52 -13.69
N ASP A 72 -13.95 -2.27 -14.75
CA ASP A 72 -13.04 -3.41 -14.64
C ASP A 72 -11.63 -3.06 -15.13
N HIS A 73 -11.40 -1.77 -15.37
CA HIS A 73 -10.11 -1.29 -15.84
C HIS A 73 -9.56 -0.20 -14.91
N TYR A 74 -8.25 0.03 -15.02
CA TYR A 74 -7.57 1.12 -14.34
C TYR A 74 -7.28 2.24 -15.32
N HIS A 75 -7.11 3.44 -14.80
CA HIS A 75 -6.68 4.59 -15.59
C HIS A 75 -5.31 5.07 -15.16
N VAL A 76 -4.57 5.58 -16.12
CA VAL A 76 -3.27 6.21 -15.88
C VAL A 76 -3.19 7.49 -16.70
N GLN A 77 -2.58 8.52 -16.09
CA GLN A 77 -2.33 9.76 -16.75
C GLN A 77 -0.95 10.24 -16.33
N THR A 78 -0.15 10.64 -17.30
N THR A 78 -0.12 10.59 -17.30
CA THR A 78 1.17 11.19 -17.06
CA THR A 78 1.15 11.24 -17.02
C THR A 78 1.30 12.53 -17.78
C THR A 78 1.18 12.57 -17.74
N SER A 79 1.78 13.54 -17.07
CA SER A 79 1.98 14.86 -17.68
C SER A 79 3.32 15.41 -17.26
N PHE A 80 3.86 16.26 -18.12
CA PHE A 80 5.11 16.94 -17.87
C PHE A 80 4.77 18.44 -17.96
N PRO A 81 4.30 19.04 -16.83
CA PRO A 81 3.85 20.44 -16.79
C PRO A 81 4.85 21.40 -17.44
N GLY A 82 4.37 22.17 -18.43
CA GLY A 82 5.20 23.05 -19.24
C GLY A 82 5.38 22.58 -20.67
N THR A 83 5.21 21.28 -20.89
CA THR A 83 5.39 20.65 -22.21
C THR A 83 4.09 19.97 -22.71
N GLU A 84 4.13 19.43 -23.93
CA GLU A 84 2.98 18.78 -24.56
C GLU A 84 3.09 17.23 -24.62
N HIS A 85 4.02 16.69 -23.85
N HIS A 85 3.91 16.64 -23.74
CA HIS A 85 4.21 15.26 -23.75
CA HIS A 85 4.28 15.20 -23.79
C HIS A 85 3.30 14.82 -22.61
C HIS A 85 3.39 14.23 -22.98
N LYS A 86 2.08 14.45 -23.00
CA LYS A 86 1.14 13.83 -22.07
C LYS A 86 0.76 12.42 -22.52
N MET A 87 0.28 11.62 -21.57
N MET A 87 0.31 11.61 -21.57
CA MET A 87 -0.26 10.31 -21.87
CA MET A 87 -0.25 10.28 -21.87
C MET A 87 -1.49 10.09 -20.99
C MET A 87 -1.47 10.08 -20.99
N GLU A 88 -2.52 9.49 -21.55
CA GLU A 88 -3.74 9.16 -20.81
C GLU A 88 -4.35 7.93 -21.45
N THR A 89 -4.46 6.87 -20.66
CA THR A 89 -4.97 5.61 -21.17
C THR A 89 -5.64 4.78 -20.05
N SER A 90 -6.18 3.64 -20.45
CA SER A 90 -6.78 2.70 -19.52
C SER A 90 -6.17 1.32 -19.80
N PHE A 91 -6.17 0.47 -18.78
CA PHE A 91 -5.63 -0.88 -18.94
C PHE A 91 -6.34 -1.85 -18.01
N LYS A 92 -6.29 -3.12 -18.38
CA LYS A 92 -6.78 -4.21 -17.54
C LYS A 92 -5.58 -5.07 -17.23
N MET A 93 -5.48 -5.53 -15.98
CA MET A 93 -4.37 -6.40 -15.58
C MET A 93 -4.27 -7.63 -16.46
N GLY A 94 -3.07 -7.90 -16.93
CA GLY A 94 -2.78 -9.07 -17.77
C GLY A 94 -3.19 -8.99 -19.23
N GLN A 95 -3.72 -7.85 -19.65
CA GLN A 95 -4.16 -7.69 -21.04
C GLN A 95 -3.29 -6.65 -21.76
N GLU A 96 -2.77 -7.03 -22.93
CA GLU A 96 -1.85 -6.17 -23.67
C GLU A 96 -2.51 -4.89 -24.18
N GLY A 97 -1.78 -3.78 -24.08
CA GLY A 97 -2.14 -2.53 -24.72
C GLY A 97 -1.00 -2.05 -25.59
N THR A 98 -1.29 -1.09 -26.46
CA THR A 98 -0.28 -0.47 -27.32
C THR A 98 -0.41 1.04 -27.26
N LEU A 99 0.73 1.71 -27.11
CA LEU A 99 0.80 3.17 -27.18
C LEU A 99 1.81 3.56 -28.24
N SER A 100 1.67 4.78 -28.77
CA SER A 100 2.58 5.28 -29.78
C SER A 100 3.02 6.68 -29.41
N HIS A 101 4.31 6.96 -29.62
CA HIS A 101 4.86 8.31 -29.42
C HIS A 101 5.83 8.60 -30.55
N ASP A 102 5.57 9.68 -31.28
CA ASP A 102 6.37 10.09 -32.46
C ASP A 102 6.62 8.90 -33.39
N GLY A 103 5.55 8.16 -33.70
CA GLY A 103 5.61 7.02 -34.61
C GLY A 103 6.37 5.78 -34.15
N VAL A 104 6.57 5.66 -32.84
CA VAL A 104 7.23 4.48 -32.25
C VAL A 104 6.20 3.76 -31.39
N ASP A 105 5.88 2.51 -31.76
CA ASP A 105 4.90 1.69 -31.03
C ASP A 105 5.53 1.01 -29.84
N LEU A 106 4.76 0.99 -28.75
CA LEU A 106 5.16 0.41 -27.49
C LEU A 106 4.02 -0.54 -27.09
N LYS A 107 4.36 -1.80 -26.85
CA LYS A 107 3.40 -2.78 -26.34
C LYS A 107 3.66 -2.98 -24.85
N TYR A 108 2.60 -3.06 -24.06
CA TYR A 108 2.79 -3.26 -22.62
C TYR A 108 1.72 -4.14 -21.98
N VAL A 109 2.08 -4.77 -20.86
N VAL A 109 2.08 -4.79 -20.88
CA VAL A 109 1.14 -5.52 -20.03
CA VAL A 109 1.12 -5.48 -20.02
C VAL A 109 1.41 -5.16 -18.57
C VAL A 109 1.41 -5.12 -18.58
N CYS A 110 0.35 -4.82 -17.84
CA CYS A 110 0.43 -4.53 -16.41
C CYS A 110 -0.03 -5.72 -15.60
N THR A 111 0.72 -6.04 -14.54
CA THR A 111 0.34 -7.09 -13.60
C THR A 111 0.62 -6.60 -12.18
N GLU A 112 0.22 -7.40 -11.20
CA GLU A 112 0.45 -7.11 -9.80
C GLU A 112 1.23 -8.22 -9.11
N ASP A 113 2.13 -7.84 -8.23
CA ASP A 113 2.77 -8.79 -7.34
C ASP A 113 2.56 -8.22 -5.94
N GLY A 114 1.54 -8.74 -5.27
CA GLY A 114 1.08 -8.14 -4.02
C GLY A 114 0.72 -6.68 -4.22
N GLU A 115 1.40 -5.82 -3.47
CA GLU A 115 1.17 -4.38 -3.53
C GLU A 115 1.91 -3.64 -4.64
N GLN A 116 2.75 -4.36 -5.37
N GLN A 116 2.73 -4.37 -5.40
CA GLN A 116 3.55 -3.79 -6.45
CA GLN A 116 3.57 -3.79 -6.43
C GLN A 116 2.80 -3.85 -7.77
C GLN A 116 2.94 -3.90 -7.81
N LEU A 117 2.89 -2.77 -8.53
CA LEU A 117 2.44 -2.74 -9.92
C LEU A 117 3.65 -2.98 -10.80
N ILE A 118 3.51 -3.90 -11.77
CA ILE A 118 4.58 -4.23 -12.70
C ILE A 118 4.10 -3.93 -14.12
N THR A 119 4.92 -3.21 -14.89
CA THR A 119 4.60 -2.92 -16.28
C THR A 119 5.73 -3.49 -17.13
N LYS A 120 5.38 -4.43 -18.01
CA LYS A 120 6.34 -5.02 -18.92
C LYS A 120 6.12 -4.40 -20.28
N ILE A 121 7.19 -3.84 -20.84
CA ILE A 121 7.13 -3.05 -22.06
C ILE A 121 8.02 -3.69 -23.14
N ASN A 122 7.51 -3.74 -24.37
CA ASN A 122 8.30 -4.11 -25.54
C ASN A 122 8.17 -3.06 -26.63
N ILE A 123 9.32 -2.65 -27.18
CA ILE A 123 9.38 -1.78 -28.35
C ILE A 123 9.96 -2.64 -29.49
N PRO A 124 9.07 -3.26 -30.30
CA PRO A 124 9.51 -4.18 -31.35
C PRO A 124 10.47 -3.54 -32.35
N SER A 125 10.24 -2.26 -32.70
CA SER A 125 11.06 -1.55 -33.69
C SER A 125 12.53 -1.36 -33.27
N LYS A 126 12.75 -1.33 -31.95
CA LYS A 126 14.08 -1.20 -31.36
C LYS A 126 14.63 -2.52 -30.79
N ASN A 127 13.82 -3.58 -30.84
CA ASN A 127 14.12 -4.89 -30.24
C ASN A 127 14.52 -4.73 -28.76
N GLN A 128 13.75 -3.92 -28.04
CA GLN A 128 14.10 -3.50 -26.67
C GLN A 128 12.95 -3.67 -25.69
N GLU A 129 13.24 -4.38 -24.60
N GLU A 129 13.20 -4.39 -24.61
CA GLU A 129 12.34 -4.62 -23.48
CA GLU A 129 12.20 -4.55 -23.55
C GLU A 129 12.63 -3.67 -22.34
C GLU A 129 12.61 -3.84 -22.28
N THR A 130 11.61 -3.36 -21.55
CA THR A 130 11.79 -2.65 -20.29
C THR A 130 10.80 -3.25 -19.30
N ILE A 131 11.23 -3.42 -18.06
N ILE A 131 11.22 -3.37 -18.05
CA ILE A 131 10.31 -3.73 -16.96
CA ILE A 131 10.32 -3.74 -16.97
C ILE A 131 10.34 -2.58 -15.96
C ILE A 131 10.35 -2.64 -15.92
N VAL A 132 9.16 -2.13 -15.58
CA VAL A 132 9.00 -1.01 -14.64
C VAL A 132 8.21 -1.54 -13.45
N THR A 133 8.67 -1.26 -12.23
CA THR A 133 7.91 -1.62 -11.04
C THR A 133 7.57 -0.36 -10.24
N TYR A 134 6.40 -0.36 -9.61
CA TYR A 134 5.93 0.75 -8.80
C TYR A 134 5.70 0.20 -7.41
N THR A 135 6.51 0.67 -6.46
CA THR A 135 6.47 0.24 -5.07
C THR A 135 6.21 1.46 -4.22
N ALA A 136 5.08 1.46 -3.51
CA ALA A 136 4.66 2.61 -2.72
C ALA A 136 4.31 2.22 -1.31
N THR A 137 4.66 3.08 -0.36
CA THR A 137 4.14 2.97 1.01
C THR A 137 3.83 4.40 1.42
N GLY A 138 2.59 4.63 1.83
CA GLY A 138 2.16 5.96 2.27
C GLY A 138 2.40 6.99 1.18
N ASP A 139 3.11 8.05 1.55
CA ASP A 139 3.30 9.21 0.68
C ASP A 139 4.45 9.06 -0.33
N ASP A 140 5.13 7.91 -0.34
CA ASP A 140 6.33 7.72 -1.17
C ASP A 140 6.18 6.59 -2.19
N LEU A 141 6.60 6.86 -3.42
CA LEU A 141 6.62 5.85 -4.47
C LEU A 141 8.00 5.74 -5.09
N GLU A 142 8.47 4.49 -5.23
CA GLU A 142 9.70 4.20 -5.96
C GLU A 142 9.34 3.53 -7.28
N GLN A 143 9.81 4.11 -8.38
CA GLN A 143 9.64 3.57 -9.73
C GLN A 143 10.99 3.03 -10.18
N THR A 144 11.07 1.71 -10.34
CA THR A 144 12.31 1.07 -10.74
C THR A 144 12.12 0.64 -12.19
N PHE A 145 13.12 0.90 -13.04
CA PHE A 145 13.01 0.53 -14.45
C PHE A 145 14.30 -0.10 -14.94
N THR A 146 14.16 -1.23 -15.62
CA THR A 146 15.31 -1.98 -16.12
C THR A 146 15.16 -2.21 -17.61
N SER A 147 16.23 -1.90 -18.36
CA SER A 147 16.25 -2.15 -19.80
C SER A 147 17.67 -2.42 -20.24
N ASN A 148 17.85 -3.42 -21.09
CA ASN A 148 19.19 -3.81 -21.60
C ASN A 148 20.19 -4.02 -20.45
N GLY A 149 19.67 -4.58 -19.36
CA GLY A 149 20.48 -4.94 -18.21
C GLY A 149 20.80 -3.86 -17.19
N VAL A 150 20.35 -2.62 -17.42
CA VAL A 150 20.64 -1.52 -16.48
C VAL A 150 19.36 -1.03 -15.81
N THR A 151 19.47 -0.81 -14.51
CA THR A 151 18.36 -0.38 -13.68
C THR A 151 18.52 1.05 -13.22
N GLY A 152 17.48 1.84 -13.43
CA GLY A 152 17.34 3.17 -12.83
C GLY A 152 16.22 3.18 -11.82
N LYS A 153 16.24 4.16 -10.92
CA LYS A 153 15.19 4.27 -9.90
C LYS A 153 14.82 5.73 -9.75
N ARG A 154 13.52 6.00 -9.81
CA ARG A 154 13.01 7.34 -9.61
C ARG A 154 12.01 7.38 -8.46
N TRP A 155 12.08 8.44 -7.66
N TRP A 155 12.07 8.46 -7.69
CA TRP A 155 11.18 8.61 -6.53
CA TRP A 155 11.21 8.66 -6.54
C TRP A 155 10.16 9.72 -6.75
C TRP A 155 10.13 9.69 -6.82
N TYR A 156 8.96 9.49 -6.22
CA TYR A 156 7.84 10.42 -6.31
C TYR A 156 7.23 10.63 -4.94
N LYS A 157 6.62 11.79 -4.74
N LYS A 157 6.62 11.79 -4.74
CA LYS A 157 5.86 12.13 -3.54
CA LYS A 157 5.88 12.12 -3.52
C LYS A 157 4.39 12.21 -3.90
C LYS A 157 4.40 12.22 -3.88
N LYS A 158 3.54 11.69 -3.01
CA LYS A 158 2.09 11.76 -3.23
C LYS A 158 1.61 13.19 -3.15
N ILE A 159 0.74 13.54 -4.08
CA ILE A 159 0.16 14.90 -4.12
C ILE A 159 -1.37 14.82 -4.26
N HIS A 160 -2.08 15.85 -3.79
CA HIS A 160 -3.55 15.85 -3.89
C HIS A 160 -4.03 16.10 -5.31
N ALA A 161 -3.31 16.94 -6.05
CA ALA A 161 -3.67 17.41 -7.37
C ALA A 161 -2.48 18.11 -7.96
N SER B 17 18.31 12.68 23.42
CA SER B 17 17.04 12.08 22.95
C SER B 17 16.44 11.19 24.02
N GLN B 18 15.10 11.13 24.05
CA GLN B 18 14.41 10.25 24.97
C GLN B 18 14.48 8.80 24.52
N TRP B 19 14.52 7.89 25.49
CA TRP B 19 14.38 6.47 25.23
C TRP B 19 12.95 6.22 24.77
N THR B 20 12.79 5.26 23.85
CA THR B 20 11.48 4.92 23.33
C THR B 20 11.24 3.42 23.42
N GLY B 21 10.00 3.06 23.73
CA GLY B 21 9.55 1.66 23.69
C GLY B 21 8.39 1.54 22.70
N LYS B 22 8.41 0.46 21.91
CA LYS B 22 7.29 0.11 21.02
C LYS B 22 6.89 -1.35 21.32
N PRO B 23 6.22 -1.56 22.46
CA PRO B 23 6.01 -2.93 22.96
C PRO B 23 5.00 -3.74 22.16
N TRP B 24 4.30 -3.08 21.24
CA TRP B 24 3.36 -3.73 20.33
C TRP B 24 4.08 -4.44 19.16
N LEU B 25 5.38 -4.17 18.99
CA LEU B 25 6.18 -4.93 18.02
C LEU B 25 6.31 -6.37 18.51
N GLY B 26 6.00 -7.30 17.63
CA GLY B 26 6.07 -8.74 17.95
C GLY B 26 4.97 -9.53 17.31
N LYS B 27 4.88 -10.81 17.66
CA LYS B 27 3.87 -11.71 17.14
C LYS B 27 2.90 -12.04 18.26
N TRP B 28 1.61 -11.98 17.95
CA TRP B 28 0.55 -12.02 18.94
C TRP B 28 -0.55 -13.00 18.54
N GLU B 29 -1.03 -13.77 19.51
CA GLU B 29 -2.17 -14.68 19.30
C GLU B 29 -3.34 -14.28 20.19
N SER B 30 -4.54 -14.15 19.60
CA SER B 30 -5.74 -13.82 20.38
C SER B 30 -6.01 -14.87 21.45
N ILE B 31 -6.60 -14.44 22.58
N ILE B 31 -6.35 -14.35 22.63
CA ILE B 31 -6.95 -15.34 23.72
CA ILE B 31 -6.68 -15.23 23.72
C ILE B 31 -8.25 -16.17 23.53
C ILE B 31 -8.03 -15.83 23.39
N ASP B 32 -8.39 -17.35 24.15
N ASP B 32 -8.30 -16.95 24.07
CA ASP B 32 -9.68 -18.04 24.06
CA ASP B 32 -9.54 -17.73 24.00
C ASP B 32 -10.81 -17.06 24.35
C ASP B 32 -10.75 -16.84 24.25
N GLY B 33 -11.82 -17.07 23.49
CA GLY B 33 -13.08 -16.32 23.69
C GLY B 33 -13.24 -15.10 22.81
N THR B 34 -14.31 -14.35 23.11
CA THR B 34 -14.72 -13.17 22.35
C THR B 34 -14.26 -11.87 23.04
N PRO B 35 -14.11 -10.77 22.27
CA PRO B 35 -13.77 -9.49 22.89
C PRO B 35 -14.77 -9.03 23.96
N GLU B 36 -14.27 -8.29 24.95
CA GLU B 36 -15.13 -7.64 25.94
C GLU B 36 -16.07 -6.67 25.22
N ASN B 37 -17.35 -6.70 25.59
CA ASN B 37 -18.40 -5.85 25.00
C ASN B 37 -18.64 -6.12 23.50
N TRP B 38 -18.37 -7.36 23.08
CA TRP B 38 -18.46 -7.75 21.66
C TRP B 38 -19.84 -7.58 21.06
N GLU B 39 -20.88 -8.00 21.80
CA GLU B 39 -22.27 -7.89 21.34
C GLU B 39 -22.65 -6.45 20.97
N ALA B 40 -22.33 -5.51 21.86
CA ALA B 40 -22.64 -4.08 21.64
C ALA B 40 -21.82 -3.44 20.51
N PHE B 41 -20.55 -3.82 20.37
CA PHE B 41 -19.68 -3.27 19.32
C PHE B 41 -20.12 -3.66 17.91
N VAL B 42 -20.51 -4.93 17.76
CA VAL B 42 -21.02 -5.47 16.49
C VAL B 42 -22.18 -4.61 15.96
N LYS B 43 -23.13 -4.29 16.83
CA LYS B 43 -24.27 -3.44 16.50
C LYS B 43 -23.86 -2.00 16.13
N ALA B 44 -22.96 -1.42 16.92
CA ALA B 44 -22.53 -0.03 16.73
C ALA B 44 -21.68 0.20 15.48
N ALA B 45 -20.87 -0.79 15.14
CA ALA B 45 -19.97 -0.70 13.99
C ALA B 45 -20.58 -1.32 12.72
N ASN B 46 -21.79 -1.86 12.86
CA ASN B 46 -22.51 -2.59 11.80
C ASN B 46 -21.67 -3.74 11.22
N ILE B 47 -21.15 -4.57 12.13
CA ILE B 47 -20.33 -5.74 11.77
C ILE B 47 -21.24 -6.83 11.22
N PRO B 48 -21.07 -7.20 9.92
CA PRO B 48 -21.92 -8.23 9.29
C PRO B 48 -21.58 -9.64 9.80
N PRO B 49 -22.55 -10.59 9.70
CA PRO B 49 -22.31 -12.00 10.08
C PRO B 49 -21.02 -12.63 9.51
N LYS B 50 -20.69 -12.33 8.25
CA LYS B 50 -19.46 -12.83 7.62
C LYS B 50 -18.18 -12.39 8.33
N ASP B 51 -18.21 -11.21 8.94
CA ASP B 51 -17.08 -10.70 9.73
C ASP B 51 -17.11 -11.14 11.18
N GLN B 52 -18.31 -11.28 11.76
CA GLN B 52 -18.49 -11.81 13.12
C GLN B 52 -17.91 -13.20 13.32
N ALA B 53 -18.07 -14.06 12.31
CA ALA B 53 -17.57 -15.44 12.33
C ALA B 53 -16.06 -15.53 12.55
N LEU B 54 -15.34 -14.48 12.15
CA LEU B 54 -13.89 -14.41 12.32
C LEU B 54 -13.44 -14.22 13.77
N TYR B 55 -14.36 -13.86 14.66
CA TYR B 55 -14.03 -13.50 16.06
C TYR B 55 -14.89 -14.26 17.09
N ASN B 56 -15.33 -15.46 16.72
CA ASN B 56 -16.39 -16.18 17.44
C ASN B 56 -16.02 -16.77 18.82
N GLY B 57 -14.75 -17.07 19.04
CA GLY B 57 -14.30 -17.71 20.29
C GLY B 57 -13.52 -19.01 20.15
N LYS B 58 -13.49 -19.57 18.93
CA LYS B 58 -12.63 -20.71 18.59
C LYS B 58 -11.66 -20.37 17.45
N GLN B 59 -12.08 -19.47 16.58
CA GLN B 59 -11.22 -18.91 15.54
C GLN B 59 -10.14 -18.03 16.16
N LYS B 60 -8.88 -18.34 15.86
CA LYS B 60 -7.76 -17.52 16.35
C LYS B 60 -7.41 -16.41 15.36
N THR B 61 -6.89 -15.32 15.90
CA THR B 61 -6.27 -14.25 15.13
C THR B 61 -4.80 -14.22 15.49
N LEU B 62 -3.95 -14.19 14.46
CA LEU B 62 -2.53 -13.95 14.65
C LEU B 62 -2.22 -12.56 14.12
N LEU B 63 -1.53 -11.78 14.92
N LEU B 63 -1.53 -11.75 14.92
CA LEU B 63 -1.23 -10.40 14.60
CA LEU B 63 -1.00 -10.46 14.47
C LEU B 63 0.28 -10.15 14.77
C LEU B 63 0.52 -10.49 14.51
N LYS B 64 0.92 -9.70 13.70
N LYS B 64 1.16 -9.79 13.60
CA LYS B 64 2.35 -9.48 13.72
CA LYS B 64 2.59 -9.57 13.74
C LYS B 64 2.69 -8.06 13.27
C LYS B 64 2.98 -8.21 13.20
N TYR B 65 3.49 -7.36 14.09
CA TYR B 65 4.05 -6.04 13.73
C TYR B 65 5.55 -6.14 13.79
N TRP B 66 6.23 -5.63 12.77
CA TRP B 66 7.68 -5.55 12.79
C TRP B 66 8.25 -4.34 12.07
N LYS B 67 9.52 -4.08 12.36
N LYS B 67 9.52 -4.06 12.37
CA LYS B 67 10.28 -2.95 11.87
CA LYS B 67 10.25 -2.93 11.80
C LYS B 67 11.66 -3.47 11.46
C LYS B 67 11.66 -3.38 11.46
N GLU B 68 12.01 -3.29 10.19
CA GLU B 68 13.35 -3.62 9.69
C GLU B 68 14.21 -2.37 9.89
N ALA B 69 15.40 -2.57 10.46
CA ALA B 69 16.28 -1.44 10.86
C ALA B 69 16.59 -0.43 9.74
N GLY B 70 16.84 -0.95 8.53
CA GLY B 70 17.16 -0.10 7.37
C GLY B 70 16.02 0.58 6.65
N GLU B 71 14.78 0.34 7.10
CA GLU B 71 13.57 0.85 6.44
C GLU B 71 12.88 1.95 7.25
N ASP B 72 12.09 2.77 6.55
CA ASP B 72 11.38 3.89 7.19
C ASP B 72 9.88 3.59 7.39
N HIS B 73 9.51 2.32 7.19
CA HIS B 73 8.12 1.88 7.34
C HIS B 73 8.02 0.70 8.29
N TYR B 74 6.81 0.47 8.80
CA TYR B 74 6.49 -0.69 9.63
C TYR B 74 5.74 -1.70 8.80
N HIS B 75 5.84 -2.96 9.19
CA HIS B 75 5.09 -4.03 8.56
C HIS B 75 4.07 -4.59 9.54
N VAL B 76 2.93 -4.98 8.99
CA VAL B 76 1.88 -5.71 9.73
C VAL B 76 1.41 -6.91 8.90
N GLN B 77 1.18 -8.03 9.58
CA GLN B 77 0.59 -9.22 8.98
C GLN B 77 -0.44 -9.74 9.96
N THR B 78 -1.64 -10.00 9.46
CA THR B 78 -2.68 -10.66 10.24
C THR B 78 -3.12 -11.92 9.53
N SER B 79 -3.36 -12.97 10.30
N SER B 79 -3.39 -12.95 10.31
CA SER B 79 -3.93 -14.19 9.73
CA SER B 79 -3.86 -14.23 9.79
C SER B 79 -5.02 -14.72 10.64
C SER B 79 -5.02 -14.72 10.65
N PHE B 80 -5.90 -15.50 10.03
CA PHE B 80 -6.98 -16.16 10.75
C PHE B 80 -6.81 -17.63 10.37
N PRO B 81 -5.94 -18.36 11.10
CA PRO B 81 -5.62 -19.76 10.78
C PRO B 81 -6.86 -20.62 10.62
N GLY B 82 -6.94 -21.35 9.50
CA GLY B 82 -8.13 -22.13 9.15
C GLY B 82 -8.98 -21.47 8.08
N THR B 83 -8.73 -20.19 7.81
CA THR B 83 -9.47 -19.43 6.79
C THR B 83 -8.53 -18.74 5.79
N GLU B 84 -9.12 -18.16 4.74
CA GLU B 84 -8.40 -17.36 3.76
C GLU B 84 -8.52 -15.83 3.98
N HIS B 85 -8.88 -15.45 5.21
N HIS B 85 -8.90 -15.44 5.19
CA HIS B 85 -8.97 -14.05 5.60
CA HIS B 85 -8.98 -14.04 5.62
C HIS B 85 -7.61 -13.68 6.18
C HIS B 85 -7.62 -13.66 6.19
N LYS B 86 -6.92 -12.77 5.49
CA LYS B 86 -5.58 -12.33 5.87
C LYS B 86 -5.30 -10.92 5.36
N MET B 87 -4.25 -10.33 5.91
N MET B 87 -4.28 -10.29 5.95
CA MET B 87 -3.81 -9.00 5.53
CA MET B 87 -3.82 -8.97 5.55
C MET B 87 -2.31 -8.91 5.74
C MET B 87 -2.30 -8.92 5.73
N GLU B 88 -1.61 -8.29 4.79
CA GLU B 88 -0.19 -8.01 4.94
C GLU B 88 0.12 -6.71 4.21
N THR B 89 0.62 -5.73 4.95
CA THR B 89 0.88 -4.42 4.39
C THR B 89 2.01 -3.72 5.15
N SER B 90 2.34 -2.53 4.67
CA SER B 90 3.31 -1.67 5.32
C SER B 90 2.69 -0.30 5.51
N PHE B 91 3.19 0.44 6.50
CA PHE B 91 2.68 1.78 6.78
C PHE B 91 3.77 2.68 7.35
N LYS B 92 3.59 3.98 7.16
CA LYS B 92 4.43 5.00 7.78
C LYS B 92 3.56 5.78 8.75
N MET B 93 4.09 6.10 9.92
CA MET B 93 3.33 6.87 10.91
C MET B 93 2.82 8.18 10.32
N GLY B 94 1.54 8.44 10.51
CA GLY B 94 0.92 9.70 10.08
C GLY B 94 0.57 9.80 8.60
N GLN B 95 0.82 8.74 7.83
CA GLN B 95 0.58 8.74 6.38
C GLN B 95 -0.55 7.77 6.05
N GLU B 96 -1.57 8.28 5.37
CA GLU B 96 -2.79 7.50 5.10
C GLU B 96 -2.48 6.31 4.17
N GLY B 97 -3.08 5.17 4.51
CA GLY B 97 -3.13 4.01 3.63
C GLY B 97 -4.57 3.60 3.34
N THR B 98 -4.76 2.83 2.28
CA THR B 98 -6.08 2.28 1.92
C THR B 98 -5.97 0.78 1.72
N LEU B 99 -6.90 0.04 2.32
CA LEU B 99 -7.05 -1.38 2.08
C LEU B 99 -8.46 -1.67 1.60
N SER B 100 -8.61 -2.76 0.86
CA SER B 100 -9.92 -3.19 0.39
C SER B 100 -10.18 -4.63 0.75
N HIS B 101 -11.43 -4.92 1.14
CA HIS B 101 -11.87 -6.27 1.45
C HIS B 101 -13.22 -6.49 0.82
N ASP B 102 -13.33 -7.49 -0.05
CA ASP B 102 -14.60 -7.80 -0.73
C ASP B 102 -15.25 -6.53 -1.29
N GLY B 103 -14.46 -5.70 -1.97
CA GLY B 103 -14.95 -4.48 -2.60
C GLY B 103 -15.29 -3.30 -1.70
N VAL B 104 -14.89 -3.35 -0.43
N VAL B 104 -14.86 -3.35 -0.44
CA VAL B 104 -15.13 -2.25 0.51
CA VAL B 104 -15.12 -2.28 0.52
C VAL B 104 -13.82 -1.60 0.94
C VAL B 104 -13.78 -1.62 0.89
N ASP B 105 -13.69 -0.31 0.62
CA ASP B 105 -12.47 0.46 0.90
C ASP B 105 -12.41 0.94 2.34
N LEU B 106 -11.21 0.84 2.93
CA LEU B 106 -10.94 1.29 4.28
C LEU B 106 -9.73 2.19 4.19
N LYS B 107 -9.84 3.38 4.78
CA LYS B 107 -8.70 4.28 4.92
C LYS B 107 -8.22 4.23 6.35
N TYR B 108 -6.91 4.26 6.55
CA TYR B 108 -6.36 4.25 7.90
C TYR B 108 -5.14 5.14 8.03
N VAL B 109 -4.93 5.64 9.24
CA VAL B 109 -3.71 6.35 9.58
C VAL B 109 -3.26 5.84 10.95
N CYS B 110 -1.99 5.45 11.04
CA CYS B 110 -1.39 5.01 12.29
C CYS B 110 -0.55 6.12 12.91
N THR B 111 -0.71 6.30 14.22
CA THR B 111 0.09 7.25 15.00
C THR B 111 0.50 6.59 16.31
N GLU B 112 1.39 7.26 17.04
CA GLU B 112 1.82 6.77 18.34
C GLU B 112 1.50 7.77 19.42
N ASP B 113 1.10 7.26 20.57
CA ASP B 113 1.02 8.07 21.78
C ASP B 113 1.86 7.36 22.83
N GLY B 114 3.09 7.85 23.00
CA GLY B 114 4.09 7.15 23.81
C GLY B 114 4.26 5.73 23.29
N GLU B 115 4.05 4.75 24.15
CA GLU B 115 4.17 3.33 23.79
C GLU B 115 2.95 2.72 23.10
N GLN B 116 1.88 3.49 22.97
N GLN B 116 1.88 3.50 22.94
CA GLN B 116 0.65 3.01 22.34
CA GLN B 116 0.61 3.00 22.38
C GLN B 116 0.71 3.21 20.84
C GLN B 116 0.51 3.29 20.89
N LEU B 117 0.16 2.25 20.12
CA LEU B 117 -0.10 2.41 18.68
C LEU B 117 -1.57 2.73 18.52
N ILE B 118 -1.87 3.74 17.71
CA ILE B 118 -3.25 4.17 17.48
C ILE B 118 -3.52 4.07 15.97
N THR B 119 -4.62 3.41 15.60
CA THR B 119 -5.03 3.30 14.21
C THR B 119 -6.41 3.90 14.05
N LYS B 120 -6.50 4.98 13.28
N LYS B 120 -6.50 4.97 13.27
CA LYS B 120 -7.78 5.62 12.97
CA LYS B 120 -7.75 5.62 12.96
C LYS B 120 -8.25 5.09 11.64
C LYS B 120 -8.25 5.08 11.63
N ILE B 121 -9.43 4.47 11.64
CA ILE B 121 -9.98 3.78 10.46
C ILE B 121 -11.25 4.48 10.02
N ASN B 122 -11.37 4.73 8.72
CA ASN B 122 -12.57 5.29 8.13
C ASN B 122 -13.03 4.41 6.98
N ILE B 123 -14.31 4.06 6.98
CA ILE B 123 -14.93 3.37 5.85
C ILE B 123 -15.93 4.38 5.24
N PRO B 124 -15.47 5.15 4.21
CA PRO B 124 -16.28 6.24 3.65
C PRO B 124 -17.64 5.78 3.12
N SER B 125 -17.70 4.56 2.57
CA SER B 125 -18.94 4.01 2.02
C SER B 125 -20.03 3.75 3.06
N LYS B 126 -19.62 3.47 4.30
CA LYS B 126 -20.55 3.25 5.42
C LYS B 126 -20.64 4.47 6.35
N ASN B 127 -19.92 5.54 6.01
CA ASN B 127 -19.73 6.73 6.87
C ASN B 127 -19.35 6.35 8.30
N GLN B 128 -18.41 5.42 8.41
CA GLN B 128 -18.10 4.75 9.65
C GLN B 128 -16.64 5.00 10.04
N GLU B 129 -16.45 5.37 11.31
CA GLU B 129 -15.10 5.56 11.86
C GLU B 129 -14.89 4.65 13.07
N THR B 130 -13.71 4.05 13.13
CA THR B 130 -13.28 3.25 14.27
C THR B 130 -11.88 3.73 14.69
N ILE B 131 -11.69 3.90 16.00
CA ILE B 131 -10.38 4.16 16.58
C ILE B 131 -9.92 2.88 17.27
N VAL B 132 -8.74 2.40 16.90
CA VAL B 132 -8.19 1.17 17.46
C VAL B 132 -6.90 1.53 18.18
N THR B 133 -6.74 1.02 19.40
CA THR B 133 -5.51 1.26 20.15
C THR B 133 -4.85 -0.07 20.53
N TYR B 134 -3.52 -0.08 20.53
CA TYR B 134 -2.73 -1.26 20.89
C TYR B 134 -1.82 -0.88 22.05
N THR B 135 -2.10 -1.48 23.20
CA THR B 135 -1.36 -1.23 24.42
C THR B 135 -0.76 -2.55 24.90
N ALA B 136 0.56 -2.59 24.98
CA ALA B 136 1.26 -3.81 25.35
C ALA B 136 2.25 -3.59 26.46
N THR B 137 2.39 -4.59 27.33
N THR B 137 2.35 -4.56 27.36
CA THR B 137 3.43 -4.62 28.35
CA THR B 137 3.43 -4.62 28.33
C THR B 137 3.89 -6.04 28.51
C THR B 137 3.86 -6.07 28.37
N GLY B 138 5.15 -6.30 28.13
CA GLY B 138 5.72 -7.65 28.14
C GLY B 138 4.98 -8.57 27.18
N ASP B 139 4.48 -9.67 27.73
CA ASP B 139 3.85 -10.74 26.94
C ASP B 139 2.38 -10.51 26.59
N ASP B 140 1.82 -9.38 27.02
CA ASP B 140 0.37 -9.14 26.90
C ASP B 140 0.04 -7.90 26.09
N LEU B 141 -0.92 -8.05 25.18
N LEU B 141 -0.93 -8.04 25.20
CA LEU B 141 -1.40 -6.92 24.39
CA LEU B 141 -1.41 -6.94 24.36
C LEU B 141 -2.91 -6.75 24.55
C LEU B 141 -2.92 -6.75 24.50
N GLU B 142 -3.33 -5.53 24.81
CA GLU B 142 -4.74 -5.15 24.81
C GLU B 142 -5.04 -4.32 23.56
N GLN B 143 -6.02 -4.76 22.79
CA GLN B 143 -6.50 -4.03 21.62
C GLN B 143 -7.90 -3.47 21.94
N THR B 144 -8.05 -2.15 21.88
CA THR B 144 -9.38 -1.57 22.06
C THR B 144 -9.85 -1.01 20.73
N PHE B 145 -11.17 -1.06 20.53
CA PHE B 145 -11.77 -0.52 19.30
C PHE B 145 -13.06 0.18 19.64
N THR B 146 -13.17 1.42 19.16
CA THR B 146 -14.31 2.28 19.49
C THR B 146 -14.95 2.81 18.22
N SER B 147 -16.25 2.59 18.11
CA SER B 147 -17.05 3.11 17.01
C SER B 147 -18.41 3.49 17.57
N ASN B 148 -18.86 4.71 17.22
CA ASN B 148 -20.18 5.26 17.62
C ASN B 148 -20.42 5.18 19.14
N GLY B 149 -19.40 5.57 19.91
CA GLY B 149 -19.49 5.57 21.36
C GLY B 149 -19.40 4.23 22.07
N VAL B 150 -19.19 3.14 21.31
CA VAL B 150 -19.11 1.79 21.90
C VAL B 150 -17.70 1.22 21.75
N THR B 151 -17.13 0.77 22.87
CA THR B 151 -15.76 0.22 22.93
C THR B 151 -15.75 -1.26 23.21
N GLY B 152 -15.07 -2.00 22.34
CA GLY B 152 -14.74 -3.40 22.57
C GLY B 152 -13.27 -3.53 22.91
N LYS B 153 -12.91 -4.60 23.61
CA LYS B 153 -11.51 -4.85 24.00
C LYS B 153 -11.18 -6.31 23.79
N ARG B 154 -10.04 -6.56 23.16
CA ARG B 154 -9.56 -7.91 22.90
C ARG B 154 -8.13 -8.05 23.38
N TRP B 155 -7.81 -9.23 23.91
N TRP B 155 -7.83 -9.23 23.94
CA TRP B 155 -6.49 -9.50 24.46
CA TRP B 155 -6.50 -9.52 24.46
C TRP B 155 -5.74 -10.55 23.65
C TRP B 155 -5.75 -10.47 23.53
N TYR B 156 -4.41 -10.36 23.56
CA TYR B 156 -3.52 -11.24 22.81
C TYR B 156 -2.32 -11.59 23.68
N LYS B 157 -1.75 -12.78 23.45
N LYS B 157 -1.75 -12.78 23.45
CA LYS B 157 -0.54 -13.24 24.11
CA LYS B 157 -0.54 -13.23 24.11
C LYS B 157 0.59 -13.27 23.09
C LYS B 157 0.60 -13.30 23.10
N LYS B 158 1.79 -12.88 23.53
CA LYS B 158 2.98 -12.90 22.67
C LYS B 158 3.38 -14.33 22.32
N ILE B 159 3.73 -14.53 21.04
CA ILE B 159 4.32 -15.78 20.57
C ILE B 159 5.81 -15.53 20.38
N HIS B 160 6.62 -16.26 21.13
CA HIS B 160 8.08 -16.10 21.09
C HIS B 160 8.73 -17.02 20.07
#